data_6RV5
#
_entry.id   6RV5
#
_cell.length_a   127.886
_cell.length_b   127.886
_cell.length_c   58.268
_cell.angle_alpha   90.00
_cell.angle_beta   90.00
_cell.angle_gamma   90.00
#
_symmetry.space_group_name_H-M   'P 41 21 2'
#
loop_
_entity.id
_entity.type
_entity.pdbx_description
1 polymer 'Levansucrase (Beta-D-fructofuranosyl transferase)'
2 branched beta-D-fructofuranose-(2-6)-beta-D-fructofuranose
3 non-polymer GLYCEROL
4 non-polymer 'ZINC ION'
5 water water
#
_entity_poly.entity_id   1
_entity_poly.type   'polypeptide(L)'
_entity_poly.pdbx_seq_one_letter_code
;FNYKPTPWTRADALKVHSDDPTTTQPLVDVAFPVMSEEVFIWDTMPLRDFDGDIVSVNGWCVIFTLTADRNTNNPDFQDE
NGNYDIKRDWEDRHGRARICYWYSRTGKDWIFGGRVMAEGVSPTTREWAGTPILLNDEGDIDLYYTCVTPGATIAKVRGK
IVTSDEGVSLEGFQHVKSLFSADGKIYQTEEQNAYWNFRDPSPFIDKNDGKLYMLFEGNVAGSRGTHEITQEDMGSVPPG
YENVGGARYQVGCIGLAVAKDLSGDEWEILPPLITAVGVNDQTERPHFVFQEGKYYLFTISHKYTFADNLTGPDGVYGFV
SNQLTGPYTPMNSSGLVLGNPSSQPFQTYSHYVMPNGLVTSFIDSVPWEGEKFRIGGTEAPTVKILLKGDRSFVVDSFDY
GYIPAMKDIILK
;
_entity_poly.pdbx_strand_id   A
#
# COMPACT_ATOMS: atom_id res chain seq x y z
N PHE A 1 6.44 -24.27 1.07
CA PHE A 1 6.43 -23.99 2.49
C PHE A 1 7.80 -24.30 3.14
N ASN A 2 8.86 -24.67 2.39
CA ASN A 2 10.20 -25.02 2.95
C ASN A 2 11.11 -23.77 3.07
N TYR A 3 10.64 -22.73 3.72
CA TYR A 3 11.43 -21.55 4.11
C TYR A 3 10.86 -21.01 5.42
N LYS A 4 11.62 -20.15 6.10
CA LYS A 4 11.14 -19.51 7.34
C LYS A 4 10.97 -18.03 7.07
N PRO A 5 9.96 -17.37 7.65
CA PRO A 5 9.87 -15.92 7.57
C PRO A 5 11.15 -15.32 8.15
N THR A 6 11.45 -14.12 7.64
CA THR A 6 12.54 -13.31 8.18
C THR A 6 11.93 -12.32 9.16
N PRO A 7 12.36 -12.26 10.43
CA PRO A 7 11.83 -11.28 11.30
C PRO A 7 12.49 -9.91 11.16
N TRP A 8 11.64 -8.91 11.17
CA TRP A 8 12.06 -7.52 11.37
C TRP A 8 12.15 -7.38 12.88
N THR A 9 13.34 -7.32 13.44
CA THR A 9 13.50 -7.46 14.90
C THR A 9 13.46 -6.13 15.66
N ARG A 10 13.33 -6.27 16.96
CA ARG A 10 13.42 -5.09 17.85
C ARG A 10 14.76 -4.40 17.67
N ALA A 11 15.83 -5.18 17.55
CA ALA A 11 17.18 -4.62 17.32
C ALA A 11 17.18 -3.81 16.02
N ASP A 12 16.54 -4.33 14.96
CA ASP A 12 16.50 -3.54 13.70
C ASP A 12 15.73 -2.24 13.94
N ALA A 13 14.59 -2.33 14.61
CA ALA A 13 13.73 -1.16 14.81
C ALA A 13 14.46 -0.10 15.67
N LEU A 14 15.34 -0.53 16.57
CA LEU A 14 16.12 0.42 17.40
C LEU A 14 17.04 1.25 16.52
N LYS A 15 17.35 0.83 15.29
CA LYS A 15 18.19 1.61 14.37
C LYS A 15 17.36 2.62 13.59
N VAL A 16 16.02 2.64 13.74
CA VAL A 16 15.20 3.55 12.87
C VAL A 16 15.54 4.98 13.25
N HIS A 17 15.81 5.82 12.27
CA HIS A 17 16.21 7.25 12.47
C HIS A 17 15.23 8.14 11.70
N SER A 18 14.40 8.91 12.40
CA SER A 18 13.59 9.97 11.76
C SER A 18 14.51 11.10 11.32
N ASP A 19 14.10 11.79 10.27
CA ASP A 19 14.72 13.03 9.76
C ASP A 19 16.14 12.79 9.24
N ASP A 20 16.44 11.57 8.79
CA ASP A 20 17.65 11.35 7.98
C ASP A 20 17.28 11.88 6.61
N PRO A 21 17.98 12.91 6.08
CA PRO A 21 17.48 13.54 4.87
C PRO A 21 17.55 12.61 3.65
N THR A 22 18.39 11.56 3.71
CA THR A 22 18.45 10.56 2.63
C THR A 22 17.22 9.64 2.65
N THR A 23 16.46 9.59 3.73
CA THR A 23 15.30 8.70 3.87
C THR A 23 14.10 9.49 4.43
N THR A 24 13.96 10.75 4.09
CA THR A 24 12.85 11.59 4.57
C THR A 24 12.15 12.25 3.38
N GLN A 25 10.82 12.20 3.39
CA GLN A 25 10.02 12.84 2.33
C GLN A 25 10.18 14.35 2.54
N PRO A 26 10.45 15.13 1.48
CA PRO A 26 10.42 16.57 1.58
C PRO A 26 9.12 17.08 2.21
N LEU A 27 9.22 18.19 2.91
CA LEU A 27 8.03 18.80 3.55
C LEU A 27 6.98 19.10 2.47
N VAL A 28 5.75 18.71 2.75
CA VAL A 28 4.57 19.11 1.95
C VAL A 28 4.25 20.58 2.27
N ASP A 29 4.13 21.40 1.24
CA ASP A 29 3.63 22.81 1.31
C ASP A 29 2.30 22.81 2.07
N VAL A 30 2.20 23.55 3.18
CA VAL A 30 0.93 23.59 3.95
C VAL A 30 -0.17 24.16 3.03
N ALA A 31 0.18 24.98 2.03
CA ALA A 31 -0.75 25.55 1.03
C ALA A 31 -0.89 24.63 -0.20
N PHE A 32 -0.77 23.33 -0.04
CA PHE A 32 -0.92 22.38 -1.17
C PHE A 32 -2.26 22.61 -1.86
N PRO A 33 -2.28 22.44 -3.21
CA PRO A 33 -3.50 22.39 -4.01
C PRO A 33 -4.16 21.02 -3.86
N VAL A 34 -5.45 20.98 -4.17
CA VAL A 34 -6.27 19.74 -4.10
CA VAL A 34 -6.29 19.76 -4.08
C VAL A 34 -6.78 19.41 -5.50
N MET A 35 -6.71 18.15 -5.85
CA MET A 35 -7.00 17.71 -7.23
C MET A 35 -8.50 17.77 -7.49
N SER A 36 -9.32 17.67 -6.46
CA SER A 36 -10.80 17.67 -6.67
C SER A 36 -11.50 18.34 -5.50
N GLU A 37 -12.48 19.20 -5.82
CA GLU A 37 -13.36 19.76 -4.79
C GLU A 37 -14.52 18.81 -4.52
N GLU A 38 -14.72 17.78 -5.35
CA GLU A 38 -15.89 16.89 -5.19
C GLU A 38 -15.50 15.62 -4.43
N VAL A 39 -14.29 15.12 -4.62
CA VAL A 39 -13.92 13.81 -4.02
C VAL A 39 -12.60 13.94 -3.26
N PHE A 40 -12.50 13.06 -2.27
CA PHE A 40 -11.25 12.77 -1.54
C PHE A 40 -10.62 11.59 -2.29
N ILE A 41 -9.33 11.69 -2.59
CA ILE A 41 -8.65 10.22 -2.84
CA ILE A 41 -8.63 10.23 -2.84
C ILE A 41 -7.58 9.84 -1.77
N TRP A 42 -7.31 8.58 -1.49
CA TRP A 42 -6.09 8.33 -0.71
C TRP A 42 -5.22 7.28 -1.40
N ASP A 43 -5.35 6.01 -1.02
CA ASP A 43 -4.48 4.95 -1.58
C ASP A 43 -4.59 4.98 -3.10
N THR A 44 -3.43 5.06 -3.76
CA THR A 44 -3.34 5.20 -5.21
C THR A 44 -2.60 3.99 -5.76
N MET A 45 -3.19 3.38 -6.77
CA MET A 45 -2.76 2.07 -7.33
C MET A 45 -2.56 2.27 -8.82
N PRO A 46 -1.30 2.53 -9.25
CA PRO A 46 -1.02 2.68 -10.67
C PRO A 46 -1.24 1.34 -11.40
N LEU A 47 -1.65 1.45 -12.66
CA LEU A 47 -1.81 0.27 -13.55
C LEU A 47 -0.44 -0.35 -13.78
N ARG A 48 -0.32 -1.63 -13.55
CA ARG A 48 0.96 -2.29 -13.68
CA ARG A 48 0.97 -2.33 -13.64
C ARG A 48 0.84 -3.67 -14.37
N ASP A 49 1.99 -4.22 -14.78
CA ASP A 49 2.05 -5.58 -15.34
C ASP A 49 2.46 -6.53 -14.21
N PHE A 50 2.56 -7.80 -14.53
CA PHE A 50 2.89 -8.82 -13.53
C PHE A 50 4.35 -8.71 -13.03
N ASP A 51 5.19 -7.80 -13.52
CA ASP A 51 6.51 -7.68 -12.87
C ASP A 51 6.60 -6.38 -12.04
N GLY A 52 5.62 -5.50 -12.13
CA GLY A 52 5.70 -4.31 -11.28
C GLY A 52 5.89 -3.06 -12.12
N ASP A 53 6.25 -3.26 -13.39
CA ASP A 53 6.34 -2.09 -14.30
C ASP A 53 5.00 -1.36 -14.35
N ILE A 54 5.08 -0.06 -14.27
CA ILE A 54 3.91 0.81 -14.48
C ILE A 54 3.68 0.92 -15.99
N VAL A 55 2.47 0.65 -16.44
CA VAL A 55 2.15 0.61 -17.87
C VAL A 55 1.02 1.61 -18.19
N SER A 56 1.22 2.28 -19.30
CA SER A 56 0.22 3.11 -20.01
C SER A 56 -0.37 2.23 -21.10
N VAL A 57 -1.52 2.65 -21.61
CA VAL A 57 -2.19 1.94 -22.75
CA VAL A 57 -2.29 1.95 -22.68
C VAL A 57 -2.54 2.96 -23.80
N ASN A 58 -1.96 2.74 -25.00
CA ASN A 58 -2.13 3.65 -26.14
C ASN A 58 -1.78 5.07 -25.69
N GLY A 59 -0.76 5.21 -24.83
CA GLY A 59 -0.28 6.52 -24.43
C GLY A 59 -1.04 7.11 -23.24
N TRP A 60 -2.02 6.42 -22.67
CA TRP A 60 -2.76 6.90 -21.49
C TRP A 60 -2.26 6.21 -20.24
N CYS A 61 -1.73 7.00 -19.31
CA CYS A 61 -1.44 6.53 -17.96
C CYS A 61 -2.77 6.41 -17.23
N VAL A 62 -2.83 5.44 -16.33
CA VAL A 62 -4.03 5.12 -15.51
C VAL A 62 -3.63 4.90 -14.06
N ILE A 63 -4.41 5.50 -13.18
CA ILE A 63 -4.34 5.21 -11.73
C ILE A 63 -5.73 4.85 -11.25
N PHE A 64 -5.75 3.94 -10.31
CA PHE A 64 -6.93 3.60 -9.51
C PHE A 64 -6.76 4.17 -8.11
N THR A 65 -7.82 4.74 -7.55
CA THR A 65 -7.75 5.38 -6.21
C THR A 65 -8.88 4.86 -5.32
N LEU A 66 -8.59 4.73 -4.03
CA LEU A 66 -9.65 4.72 -3.02
C LEU A 66 -10.19 6.16 -2.99
N THR A 67 -11.52 6.26 -3.01
CA THR A 67 -12.26 7.50 -3.36
C THR A 67 -13.51 7.58 -2.50
N ALA A 68 -13.84 8.78 -2.02
CA ALA A 68 -15.09 9.07 -1.31
C ALA A 68 -15.51 10.50 -1.64
N ASP A 69 -16.79 10.76 -1.57
CA ASP A 69 -17.32 12.10 -1.84
C ASP A 69 -16.87 13.02 -0.70
N ARG A 70 -16.61 14.27 -1.04
CA ARG A 70 -16.52 15.36 -0.04
C ARG A 70 -17.95 15.82 0.35
N ASN A 71 -18.29 15.76 1.63
CA ASN A 71 -19.66 16.01 2.17
C ASN A 71 -19.76 17.48 2.62
N THR A 72 -19.19 18.39 1.83
CA THR A 72 -19.02 19.83 2.14
C THR A 72 -20.42 20.44 2.41
N ASN A 73 -21.43 20.04 1.64
CA ASN A 73 -22.79 20.65 1.67
C ASN A 73 -23.82 19.63 2.12
N ASN A 74 -23.37 18.61 2.85
CA ASN A 74 -24.20 17.51 3.35
C ASN A 74 -24.50 17.82 4.81
N PRO A 75 -25.77 18.12 5.17
CA PRO A 75 -26.14 18.43 6.55
C PRO A 75 -25.59 17.37 7.52
N ASP A 76 -25.55 16.10 7.11
CA ASP A 76 -25.14 14.94 7.96
C ASP A 76 -23.67 15.11 8.40
N PHE A 77 -22.90 15.97 7.74
CA PHE A 77 -21.46 16.21 8.05
C PHE A 77 -21.25 17.67 8.48
N GLN A 78 -22.28 18.22 9.16
CA GLN A 78 -22.21 19.52 9.88
C GLN A 78 -22.13 19.25 11.38
N ASP A 79 -21.35 20.06 12.10
CA ASP A 79 -21.30 19.97 13.58
C ASP A 79 -22.58 20.61 14.15
N GLU A 80 -22.63 20.78 15.48
CA GLU A 80 -23.80 21.34 16.21
C GLU A 80 -24.09 22.81 15.85
N ASN A 81 -23.11 23.54 15.32
CA ASN A 81 -23.23 24.93 14.83
C ASN A 81 -23.61 24.98 13.34
N GLY A 82 -23.80 23.83 12.66
CA GLY A 82 -24.25 23.80 11.25
C GLY A 82 -23.14 23.93 10.22
N ASN A 83 -21.90 23.90 10.69
CA ASN A 83 -20.67 24.04 9.84
C ASN A 83 -20.09 22.69 9.41
N TYR A 84 -19.60 22.61 8.17
CA TYR A 84 -18.99 21.39 7.58
C TYR A 84 -17.82 20.88 8.46
N ASP A 85 -17.89 19.61 8.90
CA ASP A 85 -16.86 18.96 9.74
C ASP A 85 -15.94 18.10 8.86
N ILE A 86 -15.00 18.75 8.23
CA ILE A 86 -14.05 18.04 7.33
C ILE A 86 -13.36 16.92 8.09
N LYS A 87 -13.01 17.09 9.36
CA LYS A 87 -12.33 16.01 10.12
C LYS A 87 -13.25 14.77 10.19
N ARG A 88 -14.51 14.95 10.59
CA ARG A 88 -15.49 13.83 10.68
C ARG A 88 -15.65 13.19 9.30
N ASP A 89 -15.74 14.00 8.26
CA ASP A 89 -15.94 13.53 6.87
C ASP A 89 -14.73 12.66 6.47
N TRP A 90 -13.53 13.19 6.70
CA TRP A 90 -12.26 12.54 6.32
C TRP A 90 -12.05 11.22 7.09
N GLU A 91 -12.37 11.23 8.39
CA GLU A 91 -12.13 10.04 9.24
C GLU A 91 -13.19 8.98 8.90
N ASP A 92 -14.33 9.40 8.36
CA ASP A 92 -15.46 8.48 7.96
C ASP A 92 -15.16 7.84 6.58
N ARG A 93 -14.11 8.25 5.90
CA ARG A 93 -13.96 7.90 4.46
C ARG A 93 -13.81 6.38 4.30
N HIS A 94 -13.27 5.70 5.29
CA HIS A 94 -12.93 4.26 5.15
C HIS A 94 -14.23 3.49 4.89
N GLY A 95 -15.31 3.91 5.55
CA GLY A 95 -16.64 3.30 5.41
C GLY A 95 -17.30 3.60 4.09
N ARG A 96 -16.79 4.54 3.32
CA ARG A 96 -17.38 5.03 2.07
C ARG A 96 -16.46 4.67 0.89
N ALA A 97 -15.40 3.92 1.13
CA ALA A 97 -14.33 3.73 0.11
C ALA A 97 -14.93 3.02 -1.11
N ARG A 98 -14.66 3.57 -2.28
CA ARG A 98 -14.92 3.01 -3.60
C ARG A 98 -13.70 3.21 -4.49
N ILE A 99 -13.49 2.28 -5.39
CA ILE A 99 -12.34 2.36 -6.33
C ILE A 99 -12.77 3.09 -7.59
N CYS A 100 -12.06 4.17 -7.90
CA CYS A 100 -12.28 4.94 -9.13
C CYS A 100 -10.97 4.96 -9.92
N TYR A 101 -11.08 5.38 -11.17
CA TYR A 101 -9.93 5.49 -12.07
C TYR A 101 -9.80 6.92 -12.59
N TRP A 102 -8.58 7.25 -12.85
CA TRP A 102 -8.21 8.52 -13.49
C TRP A 102 -7.21 8.22 -14.62
N TYR A 103 -7.06 9.18 -15.53
CA TYR A 103 -6.16 8.94 -16.68
C TYR A 103 -5.49 10.24 -17.09
N SER A 104 -4.38 10.10 -17.78
CA SER A 104 -3.58 11.25 -18.25
C SER A 104 -2.55 10.82 -19.26
N ARG A 105 -2.32 11.60 -20.29
CA ARG A 105 -1.18 11.28 -21.19
C ARG A 105 0.17 11.66 -20.56
N THR A 106 0.20 12.48 -19.50
CA THR A 106 1.43 13.09 -18.97
C THR A 106 1.87 12.41 -17.66
N GLY A 107 1.01 11.62 -17.03
CA GLY A 107 1.28 11.08 -15.68
C GLY A 107 0.99 12.10 -14.58
N LYS A 108 0.26 13.19 -14.91
CA LYS A 108 -0.17 14.17 -13.90
C LYS A 108 -1.39 14.92 -14.47
N ASP A 109 -1.98 15.80 -13.66
CA ASP A 109 -3.20 16.54 -14.04
C ASP A 109 -4.25 15.53 -14.46
N TRP A 110 -4.48 14.58 -13.57
CA TRP A 110 -5.38 13.44 -13.76
C TRP A 110 -6.81 13.90 -14.09
N ILE A 111 -7.36 13.23 -15.13
CA ILE A 111 -8.77 13.34 -15.55
C ILE A 111 -9.55 12.24 -14.81
N PHE A 112 -10.64 12.60 -14.19
CA PHE A 112 -11.45 11.62 -13.44
C PHE A 112 -12.24 10.77 -14.44
N GLY A 113 -12.18 9.45 -14.26
CA GLY A 113 -12.92 8.47 -15.07
C GLY A 113 -14.18 7.93 -14.41
N GLY A 114 -14.32 7.98 -13.10
CA GLY A 114 -15.46 7.41 -12.39
C GLY A 114 -15.15 6.05 -11.79
N ARG A 115 -16.22 5.40 -11.38
CA ARG A 115 -16.13 4.12 -10.66
C ARG A 115 -15.57 3.04 -11.60
N VAL A 116 -14.78 2.16 -11.03
CA VAL A 116 -14.35 0.94 -11.75
C VAL A 116 -15.55 -0.01 -11.82
N MET A 117 -16.17 -0.26 -10.68
CA MET A 117 -17.32 -1.19 -10.57
C MET A 117 -18.58 -0.38 -10.29
N ALA A 118 -19.65 -0.74 -10.97
CA ALA A 118 -20.98 -0.14 -10.69
C ALA A 118 -21.30 -0.46 -9.23
N GLU A 119 -22.04 0.42 -8.57
CA GLU A 119 -22.44 0.16 -7.17
C GLU A 119 -23.23 -1.14 -7.15
N GLY A 120 -22.94 -2.02 -6.20
CA GLY A 120 -23.57 -3.32 -6.01
C GLY A 120 -22.72 -4.48 -6.52
N VAL A 121 -21.78 -4.25 -7.42
CA VAL A 121 -20.94 -5.35 -7.92
C VAL A 121 -20.08 -5.91 -6.78
N SER A 122 -19.45 -5.03 -6.02
CA SER A 122 -18.53 -5.44 -4.93
C SER A 122 -19.32 -6.19 -3.86
N PRO A 123 -18.93 -7.41 -3.45
CA PRO A 123 -19.67 -8.15 -2.44
C PRO A 123 -19.83 -7.36 -1.14
N THR A 124 -18.81 -6.56 -0.83
CA THR A 124 -18.86 -5.63 0.31
C THR A 124 -19.03 -4.22 -0.23
N THR A 125 -19.83 -3.37 0.45
CA THR A 125 -19.95 -1.97 0.00
C THR A 125 -18.56 -1.32 -0.01
N ARG A 126 -17.77 -1.56 1.05
CA ARG A 126 -16.41 -1.03 1.05
C ARG A 126 -15.53 -1.71 0.01
N GLU A 127 -14.83 -0.90 -0.77
CA GLU A 127 -13.81 -1.44 -1.73
C GLU A 127 -12.45 -0.92 -1.28
N TRP A 128 -11.69 -1.78 -0.58
CA TRP A 128 -10.34 -1.44 -0.07
C TRP A 128 -9.25 -1.88 -1.07
N ALA A 129 -8.02 -1.47 -0.78
CA ALA A 129 -6.91 -1.39 -1.75
C ALA A 129 -6.45 -2.77 -2.24
N GLY A 130 -5.70 -2.71 -3.31
CA GLY A 130 -5.07 -3.86 -3.94
C GLY A 130 -4.24 -3.38 -5.09
N THR A 131 -4.37 -4.04 -6.24
CA THR A 131 -3.53 -3.76 -7.42
C THR A 131 -4.29 -4.13 -8.68
N PRO A 132 -4.29 -3.20 -9.65
CA PRO A 132 -4.80 -3.44 -10.99
C PRO A 132 -3.67 -3.93 -11.91
N ILE A 133 -3.87 -5.12 -12.48
CA ILE A 133 -2.90 -5.79 -13.37
CA ILE A 133 -2.87 -5.75 -13.37
C ILE A 133 -3.42 -5.76 -14.80
N LEU A 134 -2.69 -5.11 -15.70
CA LEU A 134 -2.98 -5.28 -17.13
C LEU A 134 -2.48 -6.69 -17.52
N LEU A 135 -3.41 -7.55 -17.95
CA LEU A 135 -3.13 -8.99 -18.22
C LEU A 135 -2.54 -9.21 -19.62
N ASN A 136 -2.81 -8.32 -20.56
CA ASN A 136 -2.47 -8.54 -21.98
C ASN A 136 -2.61 -7.24 -22.75
N ASP A 137 -2.31 -7.31 -24.05
CA ASP A 137 -2.40 -6.16 -24.97
C ASP A 137 -3.76 -6.18 -25.68
N GLU A 138 -4.72 -6.99 -25.21
CA GLU A 138 -6.14 -6.84 -25.59
C GLU A 138 -6.86 -5.94 -24.59
N GLY A 139 -6.18 -5.49 -23.53
CA GLY A 139 -6.75 -4.54 -22.58
C GLY A 139 -7.45 -5.19 -21.43
N ASP A 140 -7.35 -6.50 -21.28
CA ASP A 140 -7.95 -7.16 -20.11
C ASP A 140 -7.16 -6.75 -18.85
N ILE A 141 -7.89 -6.49 -17.77
CA ILE A 141 -7.33 -6.07 -16.46
C ILE A 141 -7.97 -6.95 -15.39
N ASP A 142 -7.15 -7.43 -14.47
CA ASP A 142 -7.67 -8.01 -13.23
C ASP A 142 -7.38 -6.99 -12.13
N LEU A 143 -8.43 -6.49 -11.48
CA LEU A 143 -8.29 -5.66 -10.28
C LEU A 143 -8.36 -6.58 -9.10
N TYR A 144 -7.23 -6.76 -8.43
CA TYR A 144 -7.17 -7.47 -7.13
C TYR A 144 -7.42 -6.42 -6.05
N TYR A 145 -8.33 -6.70 -5.13
CA TYR A 145 -8.69 -5.68 -4.11
C TYR A 145 -9.19 -6.37 -2.88
N THR A 146 -9.52 -5.58 -1.89
CA THR A 146 -9.95 -6.15 -0.61
C THR A 146 -11.41 -5.78 -0.33
N CYS A 147 -12.20 -6.80 -0.05
CA CYS A 147 -13.61 -6.69 0.39
C CYS A 147 -13.56 -6.71 1.92
N VAL A 148 -14.13 -5.69 2.55
CA VAL A 148 -14.08 -5.48 4.01
C VAL A 148 -15.46 -5.18 4.52
N THR A 149 -15.83 -5.88 5.60
CA THR A 149 -17.03 -5.66 6.42
C THR A 149 -18.25 -6.11 5.64
N PRO A 150 -18.74 -7.33 5.85
CA PRO A 150 -18.27 -8.26 6.87
C PRO A 150 -16.94 -8.90 6.45
N GLY A 151 -16.09 -9.12 7.45
CA GLY A 151 -14.80 -9.81 7.30
C GLY A 151 -13.81 -9.06 6.45
N ALA A 152 -12.83 -9.84 5.98
CA ALA A 152 -11.78 -9.28 5.14
C ALA A 152 -11.35 -10.35 4.16
N THR A 153 -11.59 -10.09 2.89
CA THR A 153 -11.44 -11.10 1.83
C THR A 153 -10.71 -10.47 0.64
N ILE A 154 -9.63 -11.14 0.22
CA ILE A 154 -8.95 -10.74 -1.00
C ILE A 154 -9.79 -11.27 -2.15
N ALA A 155 -9.99 -10.42 -3.16
CA ALA A 155 -10.89 -10.71 -4.30
C ALA A 155 -10.31 -10.15 -5.56
N LYS A 156 -10.89 -10.53 -6.71
CA LYS A 156 -10.45 -9.95 -8.00
C LYS A 156 -11.67 -9.79 -8.89
N VAL A 157 -11.57 -8.86 -9.80
CA VAL A 157 -12.65 -8.60 -10.78
C VAL A 157 -11.97 -8.26 -12.11
N ARG A 158 -12.41 -8.96 -13.17
CA ARG A 158 -11.77 -8.77 -14.51
C ARG A 158 -12.63 -7.92 -15.44
N GLY A 159 -12.03 -6.86 -15.99
CA GLY A 159 -12.68 -5.99 -16.96
C GLY A 159 -11.71 -5.63 -18.06
N LYS A 160 -12.02 -4.57 -18.76
CA LYS A 160 -11.27 -4.17 -19.97
C LYS A 160 -11.10 -2.65 -19.99
N ILE A 161 -9.97 -2.20 -20.49
CA ILE A 161 -9.73 -0.78 -20.82
C ILE A 161 -9.86 -0.57 -22.33
N VAL A 162 -10.56 0.49 -22.67
CA VAL A 162 -10.76 0.98 -24.06
CA VAL A 162 -10.59 0.94 -24.09
C VAL A 162 -10.24 2.42 -24.09
N THR A 163 -9.58 2.82 -25.16
CA THR A 163 -9.04 4.18 -25.27
C THR A 163 -9.58 4.82 -26.54
N SER A 164 -9.53 6.13 -26.58
CA SER A 164 -9.73 6.95 -27.81
C SER A 164 -8.76 8.10 -27.71
N ASP A 165 -8.81 9.02 -28.69
CA ASP A 165 -8.00 10.25 -28.66
C ASP A 165 -8.42 11.11 -27.46
N GLU A 166 -9.62 10.93 -26.90
CA GLU A 166 -10.12 11.88 -25.88
C GLU A 166 -9.95 11.25 -24.47
N GLY A 167 -9.65 9.97 -24.35
CA GLY A 167 -9.50 9.43 -22.98
C GLY A 167 -9.61 7.93 -22.92
N VAL A 168 -10.03 7.48 -21.75
CA VAL A 168 -10.04 6.06 -21.37
C VAL A 168 -11.40 5.74 -20.77
N SER A 169 -11.88 4.55 -21.07
CA SER A 169 -13.07 3.97 -20.43
CA SER A 169 -13.08 3.93 -20.45
C SER A 169 -12.71 2.59 -19.85
N LEU A 170 -13.24 2.30 -18.70
CA LEU A 170 -13.18 0.94 -18.15
C LEU A 170 -14.55 0.30 -18.34
N GLU A 171 -14.56 -0.96 -18.72
CA GLU A 171 -15.82 -1.66 -19.06
CA GLU A 171 -15.85 -1.64 -19.00
C GLU A 171 -15.76 -3.06 -18.47
N GLY A 172 -16.90 -3.60 -18.08
CA GLY A 172 -17.03 -5.04 -17.81
C GLY A 172 -16.58 -5.49 -16.44
N PHE A 173 -16.23 -4.58 -15.52
CA PHE A 173 -15.85 -5.00 -14.15
C PHE A 173 -17.13 -5.35 -13.40
N GLN A 174 -17.63 -6.58 -13.60
CA GLN A 174 -19.01 -6.96 -13.25
C GLN A 174 -19.09 -8.20 -12.36
N HIS A 175 -18.01 -8.96 -12.26
CA HIS A 175 -18.05 -10.30 -11.62
C HIS A 175 -16.87 -10.38 -10.66
N VAL A 176 -17.14 -10.24 -9.36
CA VAL A 176 -16.05 -10.36 -8.38
C VAL A 176 -15.89 -11.81 -7.95
N LYS A 177 -14.66 -12.30 -8.00
CA LYS A 177 -14.35 -13.63 -7.44
C LYS A 177 -13.65 -13.43 -6.10
N SER A 178 -14.23 -13.97 -5.05
CA SER A 178 -13.60 -13.98 -3.72
C SER A 178 -12.52 -15.06 -3.72
N LEU A 179 -11.30 -14.70 -3.31
CA LEU A 179 -10.14 -15.65 -3.43
C LEU A 179 -9.85 -16.29 -2.08
N PHE A 180 -9.58 -15.46 -1.06
CA PHE A 180 -9.31 -16.07 0.27
C PHE A 180 -9.31 -15.01 1.37
N SER A 181 -9.54 -15.51 2.57
CA SER A 181 -9.53 -14.75 3.84
CA SER A 181 -9.47 -14.72 3.82
C SER A 181 -8.42 -15.33 4.74
N ALA A 182 -8.20 -14.71 5.91
CA ALA A 182 -7.23 -15.25 6.89
C ALA A 182 -7.61 -16.67 7.26
N ASP A 183 -6.63 -17.54 7.42
CA ASP A 183 -6.86 -18.99 7.62
C ASP A 183 -6.89 -19.33 9.10
N GLY A 184 -6.11 -18.67 9.97
CA GLY A 184 -6.12 -18.96 11.41
C GLY A 184 -4.95 -19.82 11.89
N LYS A 185 -4.26 -20.52 10.99
CA LYS A 185 -3.05 -21.32 11.33
CA LYS A 185 -3.06 -21.34 11.29
C LYS A 185 -1.80 -20.51 10.96
N ILE A 186 -1.79 -19.82 9.81
CA ILE A 186 -0.64 -18.95 9.45
C ILE A 186 -1.00 -17.48 9.70
N TYR A 187 -2.16 -17.06 9.23
CA TYR A 187 -2.58 -15.65 9.33
C TYR A 187 -3.72 -15.54 10.33
N GLN A 188 -3.66 -14.49 11.12
CA GLN A 188 -4.62 -14.23 12.19
C GLN A 188 -5.99 -13.95 11.62
N THR A 189 -7.02 -14.47 12.31
CA THR A 189 -8.43 -14.27 11.91
C THR A 189 -9.14 -13.26 12.82
N GLU A 190 -10.32 -12.79 12.37
CA GLU A 190 -11.21 -11.92 13.19
C GLU A 190 -11.55 -12.64 14.52
N GLU A 191 -11.69 -13.96 14.46
CA GLU A 191 -12.05 -14.72 15.67
C GLU A 191 -10.93 -14.58 16.71
N GLN A 192 -9.69 -14.64 16.25
CA GLN A 192 -8.50 -14.54 17.12
C GLN A 192 -8.27 -13.09 17.57
N ASN A 193 -8.71 -12.14 16.77
CA ASN A 193 -8.43 -10.71 17.03
C ASN A 193 -9.45 -9.86 16.29
N ALA A 194 -10.30 -9.15 17.03
CA ALA A 194 -11.34 -8.25 16.44
C ALA A 194 -10.66 -7.18 15.59
N TYR A 195 -9.39 -6.88 15.83
CA TYR A 195 -8.66 -5.77 15.17
C TYR A 195 -7.66 -6.34 14.14
N TRP A 196 -7.87 -7.57 13.71
CA TRP A 196 -6.96 -8.25 12.73
C TRP A 196 -6.78 -7.43 11.47
N ASN A 197 -5.58 -7.56 10.93
CA ASN A 197 -5.20 -6.94 9.65
C ASN A 197 -5.16 -8.04 8.61
N PHE A 198 -5.86 -7.81 7.48
CA PHE A 198 -5.81 -8.74 6.34
C PHE A 198 -6.30 -7.97 5.12
N ARG A 199 -5.39 -7.55 4.24
CA ARG A 199 -5.76 -6.66 3.11
C ARG A 199 -4.58 -6.46 2.16
N ASP A 200 -4.89 -5.82 1.03
CA ASP A 200 -3.89 -5.20 0.13
C ASP A 200 -3.11 -6.22 -0.68
N PRO A 201 -3.79 -6.94 -1.58
CA PRO A 201 -3.09 -7.86 -2.45
C PRO A 201 -2.19 -7.14 -3.46
N SER A 202 -1.01 -7.74 -3.66
CA SER A 202 -0.04 -7.28 -4.66
C SER A 202 0.49 -8.50 -5.42
N PRO A 203 -0.16 -8.92 -6.52
CA PRO A 203 0.30 -10.08 -7.27
C PRO A 203 1.54 -9.77 -8.12
N PHE A 204 2.26 -10.84 -8.43
CA PHE A 204 3.43 -10.76 -9.31
C PHE A 204 3.69 -12.16 -9.86
N ILE A 205 4.35 -12.24 -10.98
CA ILE A 205 4.89 -13.53 -11.45
C ILE A 205 6.40 -13.54 -11.20
N ASP A 206 6.88 -14.61 -10.63
CA ASP A 206 8.32 -14.81 -10.40
C ASP A 206 8.90 -15.59 -11.59
N LYS A 207 9.78 -14.98 -12.36
CA LYS A 207 10.44 -15.63 -13.53
CA LYS A 207 10.33 -15.71 -13.54
C LYS A 207 11.24 -16.87 -13.12
N ASN A 208 11.72 -16.94 -11.89
CA ASN A 208 12.62 -18.03 -11.46
C ASN A 208 11.87 -19.34 -11.48
N ASP A 209 10.59 -19.34 -11.07
CA ASP A 209 9.82 -20.61 -11.08
C ASP A 209 8.60 -20.49 -12.00
N GLY A 210 8.39 -19.33 -12.60
CA GLY A 210 7.23 -19.07 -13.49
C GLY A 210 5.87 -19.01 -12.80
N LYS A 211 5.82 -19.00 -11.48
CA LYS A 211 4.55 -19.05 -10.73
C LYS A 211 4.02 -17.65 -10.44
N LEU A 212 2.71 -17.61 -10.32
CA LEU A 212 1.95 -16.40 -9.95
C LEU A 212 1.78 -16.40 -8.43
N TYR A 213 2.27 -15.34 -7.80
CA TYR A 213 2.25 -15.16 -6.33
C TYR A 213 1.44 -13.90 -6.01
N MET A 214 1.18 -13.70 -4.73
CA MET A 214 0.74 -12.38 -4.24
C MET A 214 1.28 -12.16 -2.84
N LEU A 215 1.64 -10.92 -2.63
CA LEU A 215 1.85 -10.37 -1.27
C LEU A 215 0.54 -9.83 -0.72
N PHE A 216 0.44 -9.77 0.59
CA PHE A 216 -0.69 -9.09 1.24
C PHE A 216 -0.27 -8.78 2.69
N GLU A 217 -0.96 -7.83 3.29
CA GLU A 217 -0.81 -7.59 4.74
C GLU A 217 -1.59 -8.64 5.52
N GLY A 218 -0.91 -9.26 6.47
CA GLY A 218 -1.55 -10.12 7.46
C GLY A 218 -1.07 -9.76 8.84
N ASN A 219 -1.49 -10.58 9.77
CA ASN A 219 -0.91 -10.70 11.11
C ASN A 219 -0.54 -12.16 11.34
N VAL A 220 0.42 -12.41 12.22
CA VAL A 220 0.79 -13.80 12.58
C VAL A 220 -0.39 -14.40 13.33
N ALA A 221 -0.83 -15.58 12.94
CA ALA A 221 -1.96 -16.27 13.62
C ALA A 221 -1.73 -16.46 15.11
N GLY A 222 -2.84 -16.46 15.85
CA GLY A 222 -2.90 -16.70 17.30
C GLY A 222 -3.83 -15.70 17.96
N SER A 223 -4.39 -16.10 19.11
CA SER A 223 -5.32 -15.24 19.86
C SER A 223 -4.59 -13.99 20.31
N ARG A 224 -5.29 -12.87 20.20
CA ARG A 224 -4.74 -11.55 20.56
C ARG A 224 -4.12 -11.61 21.96
N GLY A 225 -2.87 -11.15 22.09
CA GLY A 225 -2.20 -11.06 23.40
C GLY A 225 -1.43 -12.32 23.77
N THR A 226 -1.50 -13.41 23.00
CA THR A 226 -0.92 -14.70 23.39
C THR A 226 0.44 -14.90 22.73
N HIS A 227 0.80 -14.12 21.75
CA HIS A 227 2.05 -14.42 21.01
C HIS A 227 3.28 -14.32 21.88
N GLU A 228 4.21 -15.26 21.69
CA GLU A 228 5.54 -15.30 22.34
CA GLU A 228 5.51 -15.22 22.40
C GLU A 228 6.48 -14.32 21.62
N ILE A 229 7.19 -13.48 22.35
CA ILE A 229 8.29 -12.69 21.75
C ILE A 229 9.53 -13.58 21.88
N THR A 230 10.00 -14.13 20.79
CA THR A 230 11.15 -15.07 20.78
C THR A 230 12.47 -14.29 20.73
N GLN A 231 13.58 -14.95 21.02
CA GLN A 231 14.93 -14.34 20.81
C GLN A 231 15.06 -13.90 19.35
N GLU A 232 14.53 -14.65 18.37
CA GLU A 232 14.67 -14.23 16.95
C GLU A 232 13.89 -12.94 16.72
N ASP A 233 12.75 -12.73 17.40
CA ASP A 233 11.99 -11.47 17.29
C ASP A 233 12.77 -10.32 17.93
N MET A 234 13.47 -10.58 19.05
CA MET A 234 14.25 -9.54 19.75
C MET A 234 15.38 -9.08 18.84
N GLY A 235 16.10 -10.02 18.22
CA GLY A 235 17.41 -9.71 17.65
C GLY A 235 18.40 -9.32 18.74
N SER A 236 19.52 -8.77 18.33
CA SER A 236 20.68 -8.45 19.20
C SER A 236 20.49 -7.07 19.82
N VAL A 237 19.54 -6.97 20.74
CA VAL A 237 19.28 -5.65 21.38
C VAL A 237 20.43 -5.33 22.34
N PRO A 238 20.68 -4.03 22.58
CA PRO A 238 21.69 -3.64 23.55
C PRO A 238 21.27 -3.81 24.99
N PRO A 239 22.25 -3.87 25.90
CA PRO A 239 21.99 -3.78 27.33
C PRO A 239 21.04 -2.63 27.65
N GLY A 240 20.04 -2.97 28.44
CA GLY A 240 19.03 -2.02 28.93
C GLY A 240 17.76 -2.02 28.10
N TYR A 241 17.70 -2.82 27.02
CA TYR A 241 16.62 -2.78 26.01
C TYR A 241 15.86 -4.10 25.98
N GLU A 242 15.75 -4.76 27.13
CA GLU A 242 15.08 -6.07 27.29
CA GLU A 242 15.05 -6.06 27.15
C GLU A 242 13.59 -5.86 27.59
N ASN A 243 13.21 -4.66 28.05
CA ASN A 243 11.78 -4.43 28.44
C ASN A 243 10.96 -4.12 27.19
N VAL A 244 10.07 -5.03 26.86
CA VAL A 244 9.25 -4.90 25.62
C VAL A 244 7.82 -4.42 25.95
N GLY A 245 7.48 -4.16 27.20
CA GLY A 245 6.13 -3.74 27.55
C GLY A 245 5.08 -4.64 26.91
N GLY A 246 4.11 -4.07 26.21
CA GLY A 246 2.99 -4.86 25.62
C GLY A 246 3.25 -5.28 24.17
N ALA A 247 4.51 -5.40 23.76
CA ALA A 247 4.92 -5.69 22.38
C ALA A 247 4.26 -6.97 21.86
N ARG A 248 3.91 -7.92 22.72
CA ARG A 248 3.21 -9.16 22.24
C ARG A 248 1.91 -8.82 21.49
N TYR A 249 1.35 -7.62 21.64
CA TYR A 249 0.14 -7.17 20.90
C TYR A 249 0.44 -6.68 19.49
N GLN A 250 1.71 -6.60 19.08
CA GLN A 250 2.07 -6.11 17.72
C GLN A 250 2.54 -7.33 16.89
N VAL A 251 1.79 -7.72 15.86
CA VAL A 251 1.98 -9.06 15.24
C VAL A 251 1.86 -8.95 13.72
N GLY A 252 2.26 -7.83 13.12
CA GLY A 252 2.16 -7.67 11.67
C GLY A 252 3.06 -8.63 10.90
N CYS A 253 2.61 -8.98 9.69
CA CYS A 253 3.46 -9.72 8.76
C CYS A 253 3.12 -9.39 7.31
N ILE A 254 4.09 -9.64 6.43
CA ILE A 254 3.91 -9.61 4.97
C ILE A 254 3.63 -11.05 4.56
N GLY A 255 2.39 -11.27 4.18
CA GLY A 255 1.92 -12.59 3.78
C GLY A 255 2.26 -12.87 2.31
N LEU A 256 2.27 -14.15 1.96
CA LEU A 256 2.49 -14.62 0.58
C LEU A 256 1.51 -15.76 0.30
N ALA A 257 0.99 -15.78 -0.91
CA ALA A 257 0.19 -16.91 -1.41
C ALA A 257 0.64 -17.20 -2.83
N VAL A 258 0.34 -18.42 -3.29
CA VAL A 258 0.72 -18.81 -4.66
C VAL A 258 -0.54 -19.34 -5.35
N ALA A 259 -0.70 -19.00 -6.63
CA ALA A 259 -1.84 -19.43 -7.45
C ALA A 259 -1.60 -20.86 -7.91
N LYS A 260 -2.68 -21.62 -8.02
CA LYS A 260 -2.62 -23.02 -8.47
C LYS A 260 -2.22 -23.00 -9.95
N ASP A 261 -2.64 -21.97 -10.68
CA ASP A 261 -2.08 -21.78 -12.04
C ASP A 261 -2.12 -20.29 -12.39
N LEU A 262 -1.75 -19.95 -13.63
CA LEU A 262 -1.56 -18.52 -14.00
C LEU A 262 -2.91 -17.78 -14.15
N SER A 263 -4.06 -18.45 -14.15
CA SER A 263 -5.39 -17.76 -14.12
C SER A 263 -5.52 -16.98 -12.80
N GLY A 264 -4.86 -17.41 -11.74
CA GLY A 264 -4.98 -16.68 -10.46
C GLY A 264 -6.40 -16.77 -9.92
N ASP A 265 -7.12 -17.86 -10.17
CA ASP A 265 -8.49 -18.04 -9.63
C ASP A 265 -8.47 -18.85 -8.35
N GLU A 266 -7.40 -19.56 -8.06
CA GLU A 266 -7.31 -20.46 -6.88
C GLU A 266 -5.93 -20.29 -6.25
N TRP A 267 -5.90 -20.13 -4.94
CA TRP A 267 -4.69 -19.73 -4.19
C TRP A 267 -4.39 -20.67 -3.03
N GLU A 268 -3.10 -20.85 -2.76
CA GLU A 268 -2.57 -21.61 -1.61
C GLU A 268 -1.83 -20.58 -0.73
N ILE A 269 -2.24 -20.49 0.52
CA ILE A 269 -1.64 -19.58 1.51
C ILE A 269 -0.28 -20.17 1.88
N LEU A 270 0.74 -19.33 1.97
CA LEU A 270 2.09 -19.82 2.32
C LEU A 270 2.58 -19.08 3.55
N PRO A 271 3.69 -19.48 4.15
CA PRO A 271 4.24 -18.72 5.26
C PRO A 271 4.60 -17.29 4.84
N PRO A 272 4.55 -16.33 5.78
CA PRO A 272 4.90 -14.98 5.44
C PRO A 272 6.38 -14.80 5.11
N LEU A 273 6.70 -13.77 4.36
CA LEU A 273 8.10 -13.45 4.05
C LEU A 273 8.73 -12.68 5.21
N ILE A 274 7.99 -11.76 5.81
CA ILE A 274 8.51 -10.88 6.89
C ILE A 274 7.53 -10.99 8.04
N THR A 275 8.05 -11.08 9.27
CA THR A 275 7.18 -10.99 10.44
C THR A 275 7.70 -9.88 11.35
N ALA A 276 6.80 -9.21 12.05
CA ALA A 276 7.17 -8.05 12.89
C ALA A 276 6.59 -8.22 14.30
N VAL A 277 6.56 -9.47 14.79
CA VAL A 277 6.08 -9.78 16.14
C VAL A 277 6.97 -9.07 17.15
N GLY A 278 6.35 -8.28 18.01
CA GLY A 278 7.08 -7.50 19.06
C GLY A 278 7.60 -6.19 18.50
N VAL A 279 7.26 -5.86 17.26
CA VAL A 279 7.85 -4.70 16.56
C VAL A 279 6.76 -3.75 16.02
N ASN A 280 5.90 -4.24 15.14
CA ASN A 280 4.88 -3.37 14.53
C ASN A 280 3.65 -4.21 14.18
N ASP A 281 2.46 -3.68 14.44
CA ASP A 281 1.21 -4.43 14.15
C ASP A 281 0.90 -4.34 12.67
N GLN A 282 1.42 -3.34 11.96
CA GLN A 282 0.93 -3.08 10.61
C GLN A 282 2.09 -3.02 9.62
N THR A 283 2.20 -4.06 8.83
CA THR A 283 3.10 -4.02 7.65
C THR A 283 2.13 -3.93 6.48
N GLU A 284 1.72 -2.71 6.13
CA GLU A 284 0.62 -2.52 5.16
C GLU A 284 1.15 -2.43 3.75
N ARG A 285 0.24 -2.64 2.79
CA ARG A 285 0.57 -2.41 1.34
CA ARG A 285 0.57 -2.41 1.34
C ARG A 285 1.89 -2.94 0.69
N PRO A 286 2.18 -4.22 1.02
CA PRO A 286 3.46 -4.78 0.65
C PRO A 286 3.54 -4.85 -0.88
N HIS A 287 4.71 -4.52 -1.39
CA HIS A 287 4.89 -4.52 -2.84
C HIS A 287 6.37 -4.75 -3.12
N PHE A 288 6.64 -5.37 -4.25
CA PHE A 288 8.03 -5.57 -4.73
C PHE A 288 8.48 -4.54 -5.75
N VAL A 289 9.78 -4.31 -5.70
CA VAL A 289 10.57 -3.85 -6.85
C VAL A 289 11.62 -4.94 -7.14
N PHE A 290 11.69 -5.37 -8.38
CA PHE A 290 12.69 -6.37 -8.83
C PHE A 290 13.78 -5.57 -9.54
N GLN A 291 14.98 -5.56 -8.99
CA GLN A 291 16.06 -4.71 -9.57
C GLN A 291 17.38 -5.43 -9.37
N GLU A 292 18.21 -5.50 -10.42
CA GLU A 292 19.57 -6.07 -10.35
C GLU A 292 19.59 -7.48 -9.73
N GLY A 293 18.58 -8.28 -10.04
CA GLY A 293 18.46 -9.65 -9.54
C GLY A 293 18.04 -9.72 -8.09
N LYS A 294 17.60 -8.63 -7.52
CA LYS A 294 17.25 -8.60 -6.08
C LYS A 294 15.74 -8.41 -5.94
N TYR A 295 15.26 -8.86 -4.80
CA TYR A 295 13.86 -8.72 -4.36
C TYR A 295 13.84 -7.58 -3.34
N TYR A 296 13.34 -6.43 -3.75
CA TYR A 296 13.13 -5.28 -2.82
C TYR A 296 11.67 -5.30 -2.38
N LEU A 297 11.47 -5.64 -1.10
CA LEU A 297 10.14 -5.83 -0.49
C LEU A 297 9.82 -4.61 0.37
N PHE A 298 8.90 -3.79 -0.06
CA PHE A 298 8.48 -2.55 0.63
C PHE A 298 7.15 -2.79 1.36
N THR A 299 6.97 -2.05 2.46
CA THR A 299 5.73 -2.06 3.24
C THR A 299 5.58 -0.72 3.91
N ILE A 300 4.33 -0.30 4.13
CA ILE A 300 4.07 1.02 4.76
C ILE A 300 3.63 0.77 6.18
N SER A 301 4.04 1.65 7.09
CA SER A 301 3.65 1.47 8.49
C SER A 301 3.50 2.84 9.16
N HIS A 302 3.00 2.77 10.37
CA HIS A 302 2.66 3.93 11.18
C HIS A 302 3.57 4.06 12.40
N LYS A 303 3.88 5.29 12.74
CA LYS A 303 4.53 5.60 14.05
C LYS A 303 3.75 4.87 15.16
N TYR A 304 2.43 4.98 15.15
CA TYR A 304 1.63 4.58 16.33
C TYR A 304 1.27 3.11 16.24
N THR A 305 1.82 2.33 15.29
CA THR A 305 1.66 0.85 15.36
C THR A 305 2.96 0.16 15.77
N PHE A 306 3.98 0.90 16.17
CA PHE A 306 5.20 0.30 16.77
C PHE A 306 4.85 -0.20 18.15
N ALA A 307 5.52 -1.26 18.54
CA ALA A 307 5.44 -1.81 19.89
C ALA A 307 6.07 -0.83 20.91
N ASP A 308 5.74 -1.03 22.17
CA ASP A 308 6.33 -0.27 23.31
C ASP A 308 7.87 -0.23 23.21
N ASN A 309 8.45 0.95 23.45
CA ASN A 309 9.90 1.17 23.60
C ASN A 309 10.60 1.06 22.24
N LEU A 310 9.81 1.09 21.15
CA LEU A 310 10.31 1.34 19.78
C LEU A 310 9.58 2.54 19.18
N THR A 311 10.19 3.17 18.18
CA THR A 311 9.43 4.15 17.40
C THR A 311 10.06 4.34 16.02
N GLY A 312 9.28 4.92 15.15
CA GLY A 312 9.74 5.32 13.83
C GLY A 312 8.65 6.17 13.18
N PRO A 313 8.98 6.81 12.06
CA PRO A 313 8.00 7.65 11.41
C PRO A 313 6.99 6.83 10.61
N ASP A 314 5.86 7.46 10.33
CA ASP A 314 4.99 6.99 9.23
C ASP A 314 5.82 6.95 7.95
N GLY A 315 5.59 5.97 7.12
CA GLY A 315 6.22 5.97 5.81
C GLY A 315 6.48 4.57 5.31
N VAL A 316 7.42 4.42 4.53
CA VAL A 316 7.78 3.19 3.78
C VAL A 316 9.08 2.65 4.36
N TYR A 317 8.90 1.34 4.71
CA TYR A 317 9.99 0.48 5.21
C TYR A 317 10.27 -0.57 4.12
N GLY A 318 11.42 -1.21 4.20
CA GLY A 318 11.73 -2.19 3.18
C GLY A 318 12.84 -3.14 3.58
N PHE A 319 12.94 -4.19 2.79
CA PHE A 319 13.85 -5.32 3.00
C PHE A 319 14.36 -5.78 1.64
N VAL A 320 15.56 -6.35 1.62
CA VAL A 320 16.12 -6.85 0.35
C VAL A 320 16.68 -8.26 0.53
N SER A 321 16.45 -9.07 -0.51
CA SER A 321 16.95 -10.46 -0.54
C SER A 321 17.41 -10.76 -1.97
N ASN A 322 18.31 -11.73 -2.10
CA ASN A 322 18.64 -12.36 -3.41
C ASN A 322 17.57 -13.41 -3.84
N GLN A 323 16.74 -13.88 -2.93
CA GLN A 323 15.76 -14.98 -3.15
C GLN A 323 14.37 -14.53 -2.69
N LEU A 324 13.33 -14.95 -3.41
CA LEU A 324 11.94 -14.58 -3.04
C LEU A 324 11.70 -14.88 -1.56
N THR A 325 12.15 -16.03 -1.08
CA THR A 325 11.76 -16.54 0.25
C THR A 325 12.80 -16.14 1.30
N GLY A 326 13.75 -15.26 0.97
CA GLY A 326 14.69 -14.73 1.97
C GLY A 326 15.98 -15.55 2.02
N PRO A 327 16.89 -15.29 2.97
CA PRO A 327 16.65 -14.32 4.04
C PRO A 327 16.67 -12.87 3.54
N TYR A 328 15.88 -12.03 4.20
CA TYR A 328 15.84 -10.58 3.88
C TYR A 328 16.71 -9.79 4.87
N THR A 329 17.25 -8.67 4.42
CA THR A 329 17.94 -7.71 5.29
CA THR A 329 17.92 -7.73 5.35
C THR A 329 17.21 -6.38 5.24
N PRO A 330 17.09 -5.65 6.37
CA PRO A 330 16.39 -4.39 6.31
C PRO A 330 17.15 -3.35 5.49
N MET A 331 16.39 -2.57 4.73
CA MET A 331 16.95 -1.44 3.95
C MET A 331 17.48 -0.37 4.90
N ASN A 332 18.64 0.17 4.56
CA ASN A 332 19.27 1.25 5.38
C ASN A 332 19.53 0.78 6.81
N SER A 333 19.74 -0.53 6.98
CA SER A 333 20.06 -1.20 8.27
C SER A 333 18.96 -1.19 9.34
N SER A 334 17.89 -0.40 9.16
CA SER A 334 16.81 -0.26 10.17
C SER A 334 15.52 -0.82 9.55
N GLY A 335 15.44 -0.76 8.25
CA GLY A 335 14.17 -0.97 7.54
C GLY A 335 13.61 0.32 6.93
N LEU A 336 13.93 1.49 7.48
CA LEU A 336 13.26 2.73 6.99
C LEU A 336 13.82 3.13 5.64
N VAL A 337 12.91 3.35 4.69
CA VAL A 337 13.25 3.82 3.32
C VAL A 337 12.80 5.26 3.10
N LEU A 338 11.59 5.60 3.51
CA LEU A 338 11.11 6.99 3.30
C LEU A 338 10.10 7.31 4.40
N GLY A 339 10.54 8.12 5.36
CA GLY A 339 9.70 8.52 6.51
C GLY A 339 9.27 9.97 6.39
N ASN A 340 8.16 10.24 7.02
CA ASN A 340 7.65 11.61 7.10
C ASN A 340 8.59 12.40 8.01
N PRO A 341 8.78 13.69 7.69
CA PRO A 341 9.53 14.60 8.55
C PRO A 341 8.84 14.81 9.89
N SER A 342 9.61 14.92 10.98
CA SER A 342 8.99 14.92 12.31
CA SER A 342 9.06 14.97 12.34
C SER A 342 8.17 16.22 12.51
N SER A 343 8.44 17.30 11.76
CA SER A 343 7.63 18.54 11.86
C SER A 343 6.26 18.40 11.21
N GLN A 344 6.08 17.42 10.31
CA GLN A 344 4.77 17.17 9.63
C GLN A 344 4.60 15.65 9.59
N PRO A 345 4.46 15.01 10.77
CA PRO A 345 4.63 13.56 10.84
C PRO A 345 3.57 12.76 10.08
N PHE A 346 2.42 13.38 9.84
CA PHE A 346 1.29 12.71 9.16
C PHE A 346 1.01 13.35 7.82
N GLN A 347 1.98 14.04 7.26
CA GLN A 347 1.72 14.81 6.00
C GLN A 347 1.25 13.90 4.87
N THR A 348 1.76 12.68 4.79
CA THR A 348 1.42 11.76 3.68
C THR A 348 1.30 10.32 4.19
N TYR A 349 0.65 9.49 3.42
CA TYR A 349 0.58 8.06 3.72
C TYR A 349 0.38 7.26 2.44
N SER A 350 0.41 5.95 2.60
CA SER A 350 0.30 4.95 1.52
CA SER A 350 0.24 4.97 1.49
C SER A 350 1.37 5.18 0.46
N HIS A 351 2.60 5.31 0.92
CA HIS A 351 3.76 5.45 0.03
C HIS A 351 3.85 4.18 -0.83
N TYR A 352 4.09 4.35 -2.08
CA TYR A 352 4.17 3.23 -3.03
C TYR A 352 5.39 3.46 -3.91
N VAL A 353 6.35 2.57 -3.76
CA VAL A 353 7.65 2.65 -4.45
C VAL A 353 7.54 1.89 -5.75
N MET A 354 7.83 2.59 -6.84
CA MET A 354 7.74 1.99 -8.17
C MET A 354 9.13 1.67 -8.67
N PRO A 355 9.26 0.76 -9.66
CA PRO A 355 10.59 0.26 -10.07
C PRO A 355 11.48 1.34 -10.69
N ASN A 356 10.88 2.46 -11.13
CA ASN A 356 11.64 3.62 -11.65
C ASN A 356 12.19 4.48 -10.49
N GLY A 357 11.98 4.08 -9.24
CA GLY A 357 12.45 4.85 -8.09
C GLY A 357 11.45 5.92 -7.66
N LEU A 358 10.36 6.10 -8.39
CA LEU A 358 9.32 7.11 -7.99
CA LEU A 358 9.35 7.12 -7.97
C LEU A 358 8.47 6.56 -6.85
N VAL A 359 8.16 7.42 -5.89
CA VAL A 359 7.36 7.01 -4.72
C VAL A 359 6.20 8.00 -4.68
N THR A 360 4.99 7.49 -4.80
CA THR A 360 3.75 8.26 -4.72
C THR A 360 3.22 8.09 -3.31
N SER A 361 2.46 9.07 -2.86
CA SER A 361 1.74 9.03 -1.58
C SER A 361 0.59 10.06 -1.70
N PHE A 362 -0.38 9.96 -0.83
CA PHE A 362 -1.43 10.96 -0.70
C PHE A 362 -1.16 11.84 0.51
N ILE A 363 -1.67 13.06 0.42
CA ILE A 363 -1.51 14.04 1.55
C ILE A 363 -2.58 13.66 2.58
N ASP A 364 -2.21 13.54 3.84
CA ASP A 364 -3.14 13.14 4.93
C ASP A 364 -3.46 14.38 5.78
N SER A 365 -2.54 14.77 6.66
CA SER A 365 -2.78 15.89 7.62
CA SER A 365 -2.78 15.88 7.63
C SER A 365 -1.50 16.70 7.79
N VAL A 366 -1.56 17.98 7.49
CA VAL A 366 -0.40 18.92 7.59
C VAL A 366 -0.74 19.92 8.67
N PRO A 367 0.18 20.19 9.61
CA PRO A 367 -0.02 21.24 10.61
C PRO A 367 -0.29 22.57 9.95
N TRP A 368 -1.24 23.32 10.52
CA TRP A 368 -1.68 24.51 9.78
C TRP A 368 -1.42 25.73 10.63
N GLU A 369 -2.29 26.00 11.54
CA GLU A 369 -2.13 27.26 12.34
C GLU A 369 -2.54 26.86 13.72
N GLY A 370 -1.77 27.30 14.69
CA GLY A 370 -1.92 26.89 16.09
C GLY A 370 -2.02 25.39 16.14
N GLU A 371 -3.15 24.87 16.62
CA GLU A 371 -3.40 23.42 16.73
C GLU A 371 -4.32 22.99 15.60
N LYS A 372 -4.49 23.81 14.56
CA LYS A 372 -5.33 23.39 13.41
C LYS A 372 -4.47 22.56 12.45
N PHE A 373 -5.11 21.75 11.63
CA PHE A 373 -4.37 21.03 10.58
C PHE A 373 -5.19 21.14 9.29
N ARG A 374 -4.52 20.94 8.16
CA ARG A 374 -5.20 20.83 6.85
C ARG A 374 -5.28 19.37 6.47
N ILE A 375 -6.47 18.95 6.07
CA ILE A 375 -6.69 17.59 5.53
C ILE A 375 -6.43 17.62 4.03
N GLY A 376 -5.73 16.59 3.55
CA GLY A 376 -5.44 16.53 2.11
C GLY A 376 -6.50 15.79 1.31
N GLY A 377 -6.39 14.48 1.21
CA GLY A 377 -7.27 13.67 0.33
C GLY A 377 -7.00 13.98 -1.14
N THR A 378 -5.73 14.22 -1.42
CA THR A 378 -5.22 14.64 -2.74
C THR A 378 -3.77 14.10 -2.82
N GLU A 379 -3.26 13.97 -4.03
CA GLU A 379 -1.93 13.39 -4.20
C GLU A 379 -0.86 14.33 -3.63
N ALA A 380 0.19 13.72 -3.08
CA ALA A 380 1.41 14.39 -2.61
C ALA A 380 2.41 14.49 -3.75
N PRO A 381 3.42 15.38 -3.65
CA PRO A 381 4.52 15.39 -4.62
C PRO A 381 5.18 14.01 -4.63
N THR A 382 5.50 13.55 -5.81
CA THR A 382 6.24 12.29 -5.99
C THR A 382 7.73 12.55 -5.62
N VAL A 383 8.32 11.59 -4.97
CA VAL A 383 9.74 11.58 -4.57
C VAL A 383 10.46 10.53 -5.40
N LYS A 384 11.68 10.80 -5.77
CA LYS A 384 12.54 9.80 -6.46
C LYS A 384 13.62 9.33 -5.48
N ILE A 385 13.75 8.03 -5.35
CA ILE A 385 14.84 7.41 -4.57
C ILE A 385 15.68 6.53 -5.50
N LEU A 386 16.92 6.34 -5.11
CA LEU A 386 17.81 5.33 -5.76
C LEU A 386 17.97 4.18 -4.79
N LEU A 387 17.89 2.97 -5.30
CA LEU A 387 18.15 1.74 -4.55
C LEU A 387 19.56 1.32 -4.94
N LYS A 388 20.44 1.19 -3.97
CA LYS A 388 21.84 0.82 -4.20
C LYS A 388 22.13 -0.28 -3.19
N GLY A 389 22.18 -1.54 -3.64
CA GLY A 389 22.35 -2.63 -2.68
C GLY A 389 21.29 -2.55 -1.61
N ASP A 390 21.67 -2.57 -0.31
CA ASP A 390 20.69 -2.61 0.79
C ASP A 390 20.47 -1.19 1.32
N ARG A 391 20.74 -0.17 0.50
CA ARG A 391 20.53 1.23 0.90
C ARG A 391 19.66 1.97 -0.10
N SER A 392 19.04 3.04 0.36
CA SER A 392 18.28 3.95 -0.52
C SER A 392 18.67 5.40 -0.21
N PHE A 393 18.45 6.25 -1.20
CA PHE A 393 18.78 7.68 -1.19
C PHE A 393 17.67 8.45 -1.90
N VAL A 394 17.13 9.45 -1.23
CA VAL A 394 16.25 10.46 -1.89
C VAL A 394 17.10 11.33 -2.78
N VAL A 395 16.72 11.46 -4.05
CA VAL A 395 17.53 12.24 -5.01
C VAL A 395 16.72 13.26 -5.78
N ASP A 396 15.40 13.23 -5.75
CA ASP A 396 14.66 14.27 -6.50
C ASP A 396 13.22 14.31 -6.02
N SER A 397 12.53 15.33 -6.49
CA SER A 397 11.14 15.67 -6.14
C SER A 397 10.41 16.06 -7.41
N PHE A 398 9.15 15.68 -7.55
CA PHE A 398 8.36 16.01 -8.75
C PHE A 398 7.03 16.66 -8.36
N ASP A 399 6.16 16.82 -9.36
CA ASP A 399 4.87 17.53 -9.16
CA ASP A 399 4.85 17.50 -9.19
C ASP A 399 3.96 16.62 -8.32
N TYR A 400 2.93 17.21 -7.76
CA TYR A 400 1.86 16.48 -7.05
C TYR A 400 1.32 15.39 -7.99
N GLY A 401 1.19 14.17 -7.50
CA GLY A 401 0.59 13.07 -8.21
C GLY A 401 1.27 12.70 -9.52
N TYR A 402 2.56 12.97 -9.69
CA TYR A 402 3.29 12.56 -10.90
C TYR A 402 3.55 11.05 -10.81
N ILE A 403 2.88 10.29 -11.69
CA ILE A 403 2.98 8.82 -11.73
C ILE A 403 3.01 8.44 -13.20
N PRO A 404 4.18 8.62 -13.85
CA PRO A 404 4.34 8.29 -15.27
C PRO A 404 4.46 6.78 -15.43
N ALA A 405 4.22 6.35 -16.64
CA ALA A 405 4.39 4.93 -17.02
C ALA A 405 5.86 4.68 -17.31
N MET A 406 6.26 3.44 -17.15
CA MET A 406 7.60 2.95 -17.54
C MET A 406 7.59 2.39 -18.94
N LYS A 407 6.47 1.79 -19.33
CA LYS A 407 6.31 1.42 -20.75
CA LYS A 407 6.29 1.21 -20.68
CA LYS A 407 6.24 1.13 -20.64
C LYS A 407 4.86 1.50 -21.17
N ASP A 408 4.72 1.70 -22.48
CA ASP A 408 3.43 1.96 -23.15
C ASP A 408 3.01 0.71 -23.93
N ILE A 409 1.86 0.18 -23.59
CA ILE A 409 1.30 -1.02 -24.26
C ILE A 409 0.35 -0.56 -25.38
N ILE A 410 0.67 -0.98 -26.61
CA ILE A 410 -0.18 -0.70 -27.77
C ILE A 410 -1.26 -1.78 -27.83
N LEU A 411 -2.51 -1.41 -27.71
CA LEU A 411 -3.55 -2.46 -27.72
C LEU A 411 -3.74 -3.00 -29.14
N LYS A 412 -4.14 -4.27 -29.22
CA LYS A 412 -4.37 -4.94 -30.53
C LYS A 412 -5.83 -4.71 -30.97
#